data_6YPF
#
_entry.id   6YPF
#
_cell.length_a   49.287
_cell.length_b   49.287
_cell.length_c   104.286
_cell.angle_alpha   90.000
_cell.angle_beta   90.000
_cell.angle_gamma   120.000
#
_symmetry.space_group_name_H-M   'P 31 2 1'
#
loop_
_entity.id
_entity.type
_entity.pdbx_description
1 polymer 'Geranyl diphosphate phosphohydrolase'
2 non-polymer 'GERANYL DIPHOSPHATE'
3 water water
#
_entity_poly.entity_id   1
_entity_poly.type   'polypeptide(L)'
_entity_poly.pdbx_seq_one_letter_code
;MGNETVVVAETAGSIKVAVVVCLLRGQNVLLGRRRSSLGDSTFSLPSGHLEFGESFEECAARELKEETDLDIGKIELLTV
TNNLFLDEAKPSQYVAVFMRAVLADPRQEPQNIEPEFCDGWGWYEWDNLPKPLFWPLDNVVQDGFNPFPT
;
_entity_poly.pdbx_strand_id   A
#
loop_
_chem_comp.id
_chem_comp.type
_chem_comp.name
_chem_comp.formula
GPP non-polymer 'GERANYL DIPHOSPHATE' 'C10 H20 O7 P2'
#
# COMPACT_ATOMS: atom_id res chain seq x y z
N GLY A 13 3.66 -21.68 13.09
CA GLY A 13 3.35 -20.45 12.37
C GLY A 13 4.49 -19.96 11.48
N SER A 14 4.14 -19.26 10.41
CA SER A 14 5.11 -18.76 9.45
C SER A 14 5.20 -17.24 9.54
N ILE A 15 6.40 -16.73 9.29
CA ILE A 15 6.61 -15.29 9.22
C ILE A 15 6.79 -14.92 7.74
N LYS A 16 6.01 -13.96 7.29
CA LYS A 16 5.98 -13.52 5.90
C LYS A 16 6.34 -12.05 5.81
N VAL A 17 6.97 -11.65 4.70
CA VAL A 17 7.35 -10.27 4.47
C VAL A 17 6.40 -9.72 3.44
N ALA A 18 5.78 -8.60 3.74
CA ALA A 18 4.96 -7.85 2.80
C ALA A 18 5.58 -6.50 2.53
N VAL A 19 5.34 -5.96 1.34
CA VAL A 19 5.67 -4.58 1.03
C VAL A 19 4.35 -3.82 0.86
N VAL A 20 4.26 -2.67 1.52
CA VAL A 20 3.07 -1.82 1.57
CA VAL A 20 3.07 -1.83 1.52
C VAL A 20 3.45 -0.47 0.97
N VAL A 21 2.67 0.03 0.03
CA VAL A 21 3.07 1.20 -0.74
C VAL A 21 2.16 2.40 -0.51
N CYS A 22 2.78 3.52 -0.16
CA CYS A 22 2.11 4.79 -0.04
C CYS A 22 2.38 5.55 -1.34
N LEU A 23 1.46 5.42 -2.28
CA LEU A 23 1.57 6.07 -3.58
C LEU A 23 0.94 7.45 -3.48
N LEU A 24 1.79 8.47 -3.62
CA LEU A 24 1.40 9.84 -3.36
C LEU A 24 1.31 10.63 -4.64
N ARG A 25 0.34 11.52 -4.68
CA ARG A 25 0.21 12.46 -5.79
CA ARG A 25 0.21 12.47 -5.78
C ARG A 25 -0.26 13.78 -5.16
N GLY A 26 0.64 14.75 -5.10
CA GLY A 26 0.26 15.97 -4.40
C GLY A 26 0.08 15.65 -2.93
N GLN A 27 -1.07 16.03 -2.37
CA GLN A 27 -1.40 15.73 -0.98
C GLN A 27 -2.37 14.56 -0.84
N ASN A 28 -2.44 13.68 -1.83
CA ASN A 28 -3.36 12.56 -1.80
C ASN A 28 -2.55 11.27 -1.80
N VAL A 29 -3.15 10.23 -1.21
CA VAL A 29 -2.56 8.89 -1.18
C VAL A 29 -3.59 7.90 -1.69
N LEU A 30 -3.12 6.87 -2.39
CA LEU A 30 -4.02 5.89 -2.99
C LEU A 30 -4.42 4.84 -1.94
N LEU A 31 -5.73 4.63 -1.79
CA LEU A 31 -6.22 3.53 -0.97
C LEU A 31 -7.30 2.75 -1.70
N GLY A 32 -7.39 1.48 -1.36
CA GLY A 32 -8.38 0.60 -1.94
C GLY A 32 -9.18 -0.15 -0.88
N ARG A 33 -10.34 -0.65 -1.28
CA ARG A 33 -11.19 -1.42 -0.37
C ARG A 33 -10.97 -2.92 -0.56
N ARG A 34 -10.45 -3.58 0.49
CA ARG A 34 -10.03 -4.96 0.40
C ARG A 34 -11.22 -5.88 0.26
N ARG A 35 -10.99 -7.00 -0.45
CA ARG A 35 -12.02 -8.02 -0.65
C ARG A 35 -11.42 -9.41 -0.43
N LEU A 38 -8.68 -11.75 4.71
CA LEU A 38 -7.98 -11.00 5.77
C LEU A 38 -8.25 -9.51 5.61
N GLY A 39 -8.99 -8.95 6.56
CA GLY A 39 -9.35 -7.55 6.50
C GLY A 39 -10.43 -7.21 5.50
N ASP A 40 -11.40 -8.08 5.32
CA ASP A 40 -12.44 -7.86 4.33
C ASP A 40 -13.15 -6.53 4.56
N SER A 41 -13.37 -5.80 3.47
CA SER A 41 -14.14 -4.56 3.49
C SER A 41 -13.52 -3.50 4.41
N THR A 42 -12.21 -3.47 4.52
CA THR A 42 -11.50 -2.36 5.13
C THR A 42 -10.66 -1.68 4.05
N PHE A 43 -10.36 -0.40 4.28
CA PHE A 43 -9.52 0.34 3.33
C PHE A 43 -8.05 0.10 3.65
N SER A 44 -7.24 -0.16 2.62
CA SER A 44 -5.83 -0.43 2.86
C SER A 44 -5.01 0.17 1.75
N LEU A 45 -3.72 0.21 1.98
CA LEU A 45 -2.78 0.55 0.95
C LEU A 45 -2.53 -0.65 0.07
N PRO A 46 -2.09 -0.43 -1.16
CA PRO A 46 -1.58 -1.54 -1.96
C PRO A 46 -0.54 -2.31 -1.17
N SER A 47 -0.68 -3.64 -1.17
CA SER A 47 0.28 -4.46 -0.47
C SER A 47 0.35 -5.83 -1.13
N GLY A 48 1.40 -6.55 -0.82
CA GLY A 48 1.53 -7.93 -1.25
C GLY A 48 2.85 -8.49 -0.76
N HIS A 49 3.03 -9.76 -1.07
CA HIS A 49 4.12 -10.56 -0.52
C HIS A 49 5.41 -10.30 -1.30
N LEU A 50 6.50 -10.06 -0.60
CA LEU A 50 7.81 -10.02 -1.23
C LEU A 50 8.10 -11.39 -1.85
N GLU A 51 8.48 -11.42 -3.11
CA GLU A 51 8.81 -12.68 -3.75
C GLU A 51 10.33 -12.87 -3.74
N PHE A 52 10.75 -14.12 -3.71
CA PHE A 52 12.17 -14.39 -3.60
C PHE A 52 12.91 -13.76 -4.76
N GLY A 53 14.04 -13.12 -4.46
CA GLY A 53 14.84 -12.44 -5.44
C GLY A 53 14.51 -10.97 -5.67
N GLU A 54 13.37 -10.51 -5.19
CA GLU A 54 12.97 -9.14 -5.44
C GLU A 54 13.61 -8.17 -4.47
N SER A 55 13.93 -6.98 -4.96
CA SER A 55 14.13 -5.85 -4.06
C SER A 55 12.79 -5.29 -3.55
N PHE A 56 12.86 -4.52 -2.44
CA PHE A 56 11.62 -3.90 -1.94
C PHE A 56 10.97 -3.07 -3.05
N GLU A 57 11.79 -2.39 -3.82
CA GLU A 57 11.32 -1.48 -4.86
C GLU A 57 10.66 -2.25 -6.00
N GLU A 58 11.25 -3.37 -6.43
CA GLU A 58 10.62 -4.22 -7.43
C GLU A 58 9.29 -4.75 -6.97
N CYS A 59 9.22 -5.16 -5.71
CA CYS A 59 7.97 -5.64 -5.17
C CYS A 59 6.90 -4.55 -5.20
N ALA A 60 7.26 -3.36 -4.70
CA ALA A 60 6.31 -2.24 -4.71
C ALA A 60 5.78 -1.99 -6.11
N ALA A 61 6.68 -1.91 -7.09
CA ALA A 61 6.26 -1.63 -8.45
C ALA A 61 5.36 -2.74 -8.96
N ARG A 62 5.75 -3.99 -8.74
CA ARG A 62 4.97 -5.12 -9.21
C ARG A 62 3.57 -5.10 -8.62
N GLU A 63 3.49 -4.92 -7.30
CA GLU A 63 2.18 -4.89 -6.63
C GLU A 63 1.27 -3.83 -7.25
N LEU A 64 1.78 -2.61 -7.43
CA LEU A 64 0.91 -1.58 -7.99
C LEU A 64 0.52 -1.93 -9.41
N LYS A 65 1.43 -2.50 -10.16
CA LYS A 65 1.09 -2.82 -11.55
C LYS A 65 0.02 -3.91 -11.62
N GLU A 66 0.15 -4.94 -10.77
CA GLU A 66 -0.83 -6.03 -10.75
C GLU A 66 -2.19 -5.54 -10.28
N GLU A 67 -2.21 -4.62 -9.28
CA GLU A 67 -3.48 -4.24 -8.68
C GLU A 67 -4.18 -3.10 -9.40
N THR A 68 -3.45 -2.19 -10.03
CA THR A 68 -4.02 -0.97 -10.54
C THR A 68 -3.57 -0.63 -11.96
N ASP A 69 -2.62 -1.37 -12.53
CA ASP A 69 -1.98 -1.06 -13.81
C ASP A 69 -1.11 0.19 -13.74
N LEU A 70 -0.90 0.78 -12.58
CA LEU A 70 -0.12 2.00 -12.49
C LEU A 70 1.39 1.72 -12.48
N ASP A 71 2.13 2.55 -13.20
CA ASP A 71 3.60 2.52 -13.17
C ASP A 71 4.12 3.57 -12.21
N ILE A 72 4.80 3.11 -11.15
CA ILE A 72 5.28 4.00 -10.10
C ILE A 72 6.80 4.21 -10.19
N GLY A 73 7.28 5.29 -9.55
CA GLY A 73 8.71 5.53 -9.42
C GLY A 73 9.12 6.22 -8.15
N LYS A 74 10.40 6.55 -8.05
CA LYS A 74 11.03 7.18 -6.89
C LYS A 74 10.54 6.50 -5.61
N ILE A 75 10.73 5.23 -5.57
CA ILE A 75 10.25 4.40 -4.47
C ILE A 75 11.26 4.49 -3.34
N GLU A 76 10.80 4.85 -2.14
CA GLU A 76 11.69 5.18 -1.03
C GLU A 76 11.19 4.49 0.24
N LEU A 77 12.12 3.93 1.01
CA LEU A 77 11.76 3.25 2.26
C LEU A 77 11.32 4.26 3.31
N LEU A 78 10.21 3.93 3.98
CA LEU A 78 9.72 4.68 5.13
C LEU A 78 9.96 4.00 6.46
N THR A 79 9.43 2.80 6.66
CA THR A 79 9.56 2.13 7.97
C THR A 79 9.19 0.67 7.82
N VAL A 80 9.14 -0.06 8.95
CA VAL A 80 8.78 -1.47 8.97
C VAL A 80 8.04 -1.72 10.27
N THR A 81 7.02 -2.57 10.18
CA THR A 81 6.26 -2.96 11.36
C THR A 81 6.11 -4.46 11.46
N ASN A 82 5.83 -4.92 12.68
CA ASN A 82 5.58 -6.33 12.98
C ASN A 82 4.09 -6.49 13.25
N ASN A 83 3.47 -7.52 12.67
CA ASN A 83 2.02 -7.68 12.69
C ASN A 83 1.70 -9.15 12.91
N LEU A 84 1.18 -9.47 14.08
CA LEU A 84 0.85 -10.84 14.44
C LEU A 84 -0.65 -11.08 14.26
N PHE A 85 -0.99 -12.20 13.64
CA PHE A 85 -2.39 -12.55 13.38
C PHE A 85 -2.77 -13.85 14.08
N SER A 92 -0.36 -16.58 11.51
CA SER A 92 0.70 -15.99 10.70
C SER A 92 1.17 -14.63 11.27
N GLN A 93 2.31 -14.18 10.79
CA GLN A 93 2.92 -12.95 11.26
C GLN A 93 3.55 -12.27 10.06
N TYR A 94 3.27 -10.99 9.90
CA TYR A 94 3.69 -10.25 8.72
C TYR A 94 4.63 -9.14 9.16
N VAL A 95 5.84 -9.14 8.60
CA VAL A 95 6.76 -8.02 8.70
C VAL A 95 6.47 -7.15 7.47
N ALA A 96 5.94 -5.94 7.69
CA ALA A 96 5.44 -5.10 6.59
C ALA A 96 6.41 -3.96 6.41
N VAL A 97 7.01 -3.88 5.22
CA VAL A 97 7.95 -2.84 4.84
C VAL A 97 7.16 -1.79 4.09
N PHE A 98 7.15 -0.56 4.62
CA PHE A 98 6.36 0.54 4.06
C PHE A 98 7.27 1.36 3.18
N MET A 99 6.85 1.55 1.92
N MET A 99 6.83 1.61 1.95
CA MET A 99 7.55 2.38 0.95
CA MET A 99 7.55 2.43 1.00
C MET A 99 6.63 3.52 0.52
C MET A 99 6.62 3.51 0.47
N ARG A 100 7.20 4.64 0.12
CA ARG A 100 6.46 5.68 -0.60
C ARG A 100 6.90 5.70 -2.05
N ALA A 101 6.05 6.25 -2.90
CA ALA A 101 6.33 6.30 -4.34
C ALA A 101 5.50 7.41 -4.95
N VAL A 102 5.80 7.73 -6.21
CA VAL A 102 5.01 8.64 -7.03
C VAL A 102 4.67 7.91 -8.32
N LEU A 103 3.71 8.46 -9.06
CA LEU A 103 3.42 7.93 -10.39
C LEU A 103 4.52 8.36 -11.34
N ALA A 104 4.96 7.43 -12.19
CA ALA A 104 5.88 7.78 -13.27
C ALA A 104 5.28 8.83 -14.19
N ASP A 105 3.98 8.72 -14.47
CA ASP A 105 3.20 9.69 -15.23
C ASP A 105 2.02 10.06 -14.34
N PRO A 106 2.08 11.21 -13.64
CA PRO A 106 0.96 11.59 -12.75
C PRO A 106 -0.36 11.83 -13.46
N ARG A 107 -0.40 11.82 -14.78
CA ARG A 107 -1.67 11.91 -15.48
C ARG A 107 -2.47 10.61 -15.42
N GLN A 108 -1.86 9.49 -15.04
CA GLN A 108 -2.54 8.20 -15.10
C GLN A 108 -3.43 8.03 -13.90
N GLU A 109 -4.44 7.17 -14.05
CA GLU A 109 -5.32 6.86 -12.94
C GLU A 109 -5.43 5.36 -12.72
N PRO A 110 -5.72 4.94 -11.50
CA PRO A 110 -5.84 3.50 -11.24
C PRO A 110 -7.02 2.87 -11.96
N GLN A 111 -6.83 1.61 -12.33
CA GLN A 111 -7.88 0.76 -12.88
C GLN A 111 -7.95 -0.48 -12.01
N ASN A 112 -9.16 -0.87 -11.63
CA ASN A 112 -9.34 -2.00 -10.74
C ASN A 112 -9.22 -3.27 -11.55
N ILE A 113 -7.99 -3.78 -11.62
CA ILE A 113 -7.63 -4.94 -12.42
C ILE A 113 -7.92 -6.25 -11.73
N GLU A 114 -8.06 -6.24 -10.40
CA GLU A 114 -8.21 -7.47 -9.62
C GLU A 114 -9.43 -7.35 -8.72
N PRO A 115 -10.62 -7.40 -9.33
CA PRO A 115 -11.84 -7.26 -8.51
C PRO A 115 -12.03 -8.40 -7.52
N GLU A 116 -11.37 -9.54 -7.73
CA GLU A 116 -11.44 -10.62 -6.75
C GLU A 116 -10.91 -10.19 -5.40
N PHE A 117 -9.98 -9.22 -5.39
CA PHE A 117 -9.31 -8.83 -4.16
C PHE A 117 -9.56 -7.38 -3.74
N CYS A 118 -10.30 -6.61 -4.55
CA CYS A 118 -10.46 -5.19 -4.28
C CYS A 118 -11.75 -4.68 -4.90
N ASP A 119 -12.46 -3.83 -4.19
CA ASP A 119 -13.67 -3.24 -4.71
C ASP A 119 -13.47 -1.90 -5.43
N GLY A 120 -12.30 -1.29 -5.33
CA GLY A 120 -12.09 -0.01 -5.99
C GLY A 120 -10.99 0.77 -5.31
N TRP A 121 -10.44 1.70 -6.08
CA TRP A 121 -9.32 2.54 -5.68
C TRP A 121 -9.73 4.00 -5.69
N GLY A 122 -9.14 4.76 -4.78
CA GLY A 122 -9.41 6.18 -4.68
C GLY A 122 -8.23 6.93 -4.08
N TRP A 123 -8.26 8.25 -4.27
CA TRP A 123 -7.25 9.15 -3.75
C TRP A 123 -7.81 9.85 -2.52
N TYR A 124 -7.04 9.81 -1.43
CA TYR A 124 -7.51 10.36 -0.17
C TYR A 124 -6.46 11.26 0.45
N GLU A 125 -6.92 12.23 1.24
CA GLU A 125 -6.03 13.09 2.00
C GLU A 125 -5.69 12.42 3.33
N TRP A 126 -4.44 12.58 3.76
CA TRP A 126 -4.01 11.93 5.00
C TRP A 126 -4.76 12.49 6.20
N ASP A 127 -5.20 13.75 6.14
CA ASP A 127 -5.97 14.37 7.21
C ASP A 127 -7.44 13.97 7.20
N ASN A 128 -7.82 13.04 6.33
CA ASN A 128 -9.20 12.57 6.24
C ASN A 128 -9.22 11.17 5.64
N LEU A 129 -8.52 10.24 6.27
CA LEU A 129 -8.46 8.88 5.73
C LEU A 129 -9.81 8.18 5.91
N PRO A 130 -10.14 7.25 5.02
CA PRO A 130 -11.43 6.55 5.12
C PRO A 130 -11.40 5.52 6.25
N LYS A 131 -12.60 5.14 6.68
CA LYS A 131 -12.75 4.13 7.72
C LYS A 131 -13.74 3.07 7.26
N PRO A 132 -13.60 1.82 7.71
CA PRO A 132 -12.54 1.35 8.62
C PRO A 132 -11.26 1.05 7.87
N LEU A 133 -10.11 1.26 8.51
CA LEU A 133 -8.83 0.88 7.92
C LEU A 133 -8.49 -0.55 8.33
N PHE A 134 -7.84 -1.28 7.44
CA PHE A 134 -7.26 -2.57 7.78
C PHE A 134 -6.40 -2.38 9.03
N TRP A 135 -6.56 -3.27 9.99
CA TRP A 135 -6.01 -2.99 11.32
C TRP A 135 -4.51 -2.76 11.31
N PRO A 136 -3.70 -3.46 10.50
CA PRO A 136 -2.26 -3.15 10.51
C PRO A 136 -1.95 -1.75 10.05
N LEU A 137 -2.79 -1.19 9.18
CA LEU A 137 -2.61 0.20 8.76
C LEU A 137 -3.06 1.16 9.87
N ASP A 138 -4.22 0.90 10.46
CA ASP A 138 -4.64 1.72 11.61
C ASP A 138 -3.56 1.74 12.69
N ASN A 139 -2.86 0.62 12.88
CA ASN A 139 -1.86 0.57 13.94
C ASN A 139 -0.78 1.61 13.70
N VAL A 140 -0.30 1.73 12.46
CA VAL A 140 0.76 2.70 12.22
C VAL A 140 0.23 4.12 12.19
N VAL A 141 -1.01 4.32 11.73
CA VAL A 141 -1.63 5.64 11.78
C VAL A 141 -1.75 6.09 13.23
N GLN A 142 -2.12 5.17 14.12
CA GLN A 142 -2.19 5.51 15.53
C GLN A 142 -0.82 5.95 16.07
N ASP A 143 0.25 5.44 15.49
CA ASP A 143 1.60 5.71 15.95
C ASP A 143 2.22 6.95 15.30
N GLY A 144 1.44 7.73 14.57
CA GLY A 144 1.92 8.94 13.96
C GLY A 144 2.54 8.78 12.59
N PHE A 145 2.42 7.62 11.97
CA PHE A 145 2.98 7.41 10.64
C PHE A 145 2.40 8.42 9.64
N ASN A 146 3.28 9.04 8.86
CA ASN A 146 2.87 9.96 7.79
C ASN A 146 3.85 9.79 6.64
N PRO A 147 3.38 9.37 5.45
CA PRO A 147 4.32 9.10 4.35
C PRO A 147 4.72 10.33 3.57
N PHE A 148 4.07 11.46 3.77
CA PHE A 148 4.29 12.60 2.89
C PHE A 148 5.56 13.34 3.29
N PRO A 149 6.37 13.78 2.32
CA PRO A 149 7.55 14.60 2.63
C PRO A 149 7.20 16.05 2.93
C1 GPP B . -1.14 -8.78 3.32
O1 GPP B . -0.84 -8.93 1.96
C2 GPP B . -0.27 -7.68 3.94
C3 GPP B . -0.15 -7.53 5.25
C4 GPP B . -0.89 -8.47 6.20
C5 GPP B . 0.72 -6.41 5.80
C6 GPP B . 0.04 -5.72 6.95
C7 GPP B . 0.34 -4.23 6.96
C8 GPP B . -0.31 -3.37 6.21
C9 GPP B . -1.38 -3.83 5.23
C10 GPP B . 0.03 -1.90 6.31
PA GPP B . -2.10 -9.21 0.93
O1A GPP B . -2.69 -7.90 0.46
O2A GPP B . -1.59 -9.98 -0.28
O3A GPP B . -3.26 -10.10 1.71
PB GPP B . -3.08 -11.68 2.20
O1B GPP B . -2.01 -11.77 3.25
O2B GPP B . -2.70 -12.54 1.03
O3B GPP B . -4.39 -12.16 2.78
H11 GPP B . -2.18 -8.51 3.43
H12 GPP B . -0.95 -9.72 3.84
H2 GPP B . 0.27 -7.00 3.29
H41 GPP B . -1.94 -8.18 6.25
H42 GPP B . -0.82 -9.49 5.84
H43 GPP B . -0.46 -8.40 7.19
H51 GPP B . 0.92 -5.69 5.01
H52 GPP B . 1.67 -6.83 6.13
H61 GPP B . -1.04 -5.86 6.85
H62 GPP B . 0.37 -6.16 7.88
H7 GPP B . 1.12 -3.86 7.61
H91 GPP B . -1.78 -2.97 4.70
H92 GPP B . -2.18 -4.32 5.77
H93 GPP B . -0.94 -4.53 4.52
H101 GPP B . 1.07 -1.75 6.05
H102 GPP B . -0.15 -1.55 7.32
H103 GPP B . -0.59 -1.34 5.61
#